data_7V4F
#
_entry.id   7V4F
#
_cell.length_a   82.049
_cell.length_b   82.049
_cell.length_c   103.893
_cell.angle_alpha   90.00
_cell.angle_beta   90.00
_cell.angle_gamma   90.00
#
_symmetry.space_group_name_H-M   'P 43 21 2'
#
loop_
_entity.id
_entity.type
_entity.pdbx_description
1 polymer Beta-hydroxylase
2 non-polymer '(2S,3S)-2-azanyl-4-(2-hydroxy-2-oxoethylamino)-3-oxidanyl-butanoic acid'
3 non-polymer 'SUCCINIC ACID'
4 non-polymer 'CARBON DIOXIDE'
5 non-polymer 'FE (III) ION'
6 water water
#
_entity_poly.entity_id   1
_entity_poly.type   'polypeptide(L)'
_entity_poly.pdbx_seq_one_letter_code
;MPGRRKACFVTALTSRTELDIDPDKLRESVVELLERHPLVFEGTRQLALQHRPEATDPWYEGCQRQSLISSDSDFTEVHG
ELRDTYLGEVFDRLPFKPIRTRIMALDPKYCYSVHRDLTPRYHLAVTTSEHARFVFIEHDKVLHIPADGDLYYVDTRQLH
SAFNGGDDMRIHIVFGTDGESK
;
_entity_poly.pdbx_strand_id   B,A
#
# COMPACT_ATOMS: atom_id res chain seq x y z
N ALA A 12 12.07 30.93 -5.30
CA ALA A 12 10.94 30.26 -5.95
C ALA A 12 10.49 29.03 -5.16
N LEU A 13 9.20 28.70 -5.24
CA LEU A 13 8.70 27.53 -4.54
C LEU A 13 9.29 26.25 -5.13
N THR A 14 9.47 26.20 -6.44
CA THR A 14 9.83 24.99 -7.13
C THR A 14 10.72 25.33 -8.31
N SER A 15 11.61 24.39 -8.64
CA SER A 15 12.45 24.57 -9.81
C SER A 15 12.86 23.19 -10.31
N ARG A 16 13.06 23.10 -11.62
CA ARG A 16 13.24 21.84 -12.33
C ARG A 16 14.69 21.68 -12.79
N THR A 17 15.24 20.48 -12.61
CA THR A 17 16.56 20.08 -13.11
C THR A 17 16.37 18.88 -14.02
N GLU A 18 16.69 19.01 -15.31
CA GLU A 18 16.53 17.87 -16.21
C GLU A 18 17.61 16.84 -15.95
N LEU A 19 17.21 15.61 -15.62
CA LEU A 19 18.09 14.47 -15.49
C LEU A 19 18.00 13.51 -16.66
N ASP A 20 17.00 13.69 -17.54
CA ASP A 20 16.64 12.71 -18.57
C ASP A 20 16.66 11.28 -18.09
N ILE A 21 16.26 11.05 -16.85
CA ILE A 21 15.96 9.71 -16.40
C ILE A 21 14.70 9.22 -17.08
N ASP A 22 14.67 7.94 -17.42
CA ASP A 22 13.48 7.36 -18.04
C ASP A 22 12.49 6.98 -16.93
N PRO A 23 11.34 7.65 -16.84
CA PRO A 23 10.43 7.34 -15.73
C PRO A 23 9.93 5.91 -15.71
N ASP A 24 9.75 5.27 -16.87
CA ASP A 24 9.28 3.89 -16.84
C ASP A 24 10.34 2.94 -16.28
N LYS A 25 11.59 3.08 -16.73
CA LYS A 25 12.67 2.26 -16.18
C LYS A 25 12.90 2.60 -14.71
N LEU A 26 12.79 3.89 -14.36
CA LEU A 26 12.91 4.26 -12.95
C LEU A 26 11.84 3.55 -12.13
N ARG A 27 10.61 3.51 -12.62
CA ARG A 27 9.55 2.92 -11.81
C ARG A 27 9.78 1.44 -11.59
N GLU A 28 9.98 0.68 -12.67
CA GLU A 28 10.28 -0.74 -12.53
C GLU A 28 11.41 -0.99 -11.53
N SER A 29 12.47 -0.18 -11.58
CA SER A 29 13.59 -0.36 -10.67
C SER A 29 13.16 -0.14 -9.23
N VAL A 30 12.35 0.90 -8.99
CA VAL A 30 11.91 1.18 -7.62
C VAL A 30 11.00 0.07 -7.13
N VAL A 31 10.07 -0.36 -8.00
CA VAL A 31 9.15 -1.42 -7.63
C VAL A 31 9.91 -2.69 -7.26
N GLU A 32 10.95 -3.04 -8.03
CA GLU A 32 11.67 -4.27 -7.72
C GLU A 32 12.45 -4.12 -6.42
N LEU A 33 12.99 -2.93 -6.16
CA LEU A 33 13.73 -2.76 -4.91
C LEU A 33 12.81 -2.89 -3.72
N LEU A 34 11.56 -2.39 -3.83
CA LEU A 34 10.67 -2.40 -2.68
C LEU A 34 10.18 -3.80 -2.36
N GLU A 35 10.17 -4.69 -3.34
CA GLU A 35 9.84 -6.07 -3.04
C GLU A 35 10.93 -6.72 -2.20
N ARG A 36 12.16 -6.26 -2.35
CA ARG A 36 13.24 -6.79 -1.51
C ARG A 36 13.48 -6.01 -0.23
N HIS A 37 13.17 -4.71 -0.22
CA HIS A 37 13.35 -3.89 0.98
C HIS A 37 12.08 -3.07 1.14
N PRO A 38 11.12 -3.55 1.92
CA PRO A 38 9.80 -2.90 1.92
C PRO A 38 9.81 -1.61 2.72
N LEU A 39 8.90 -0.71 2.35
CA LEU A 39 8.71 0.54 3.07
C LEU A 39 8.25 0.28 4.50
N VAL A 40 8.68 1.16 5.41
CA VAL A 40 8.25 1.10 6.80
C VAL A 40 7.35 2.30 7.10
N PHE A 41 6.63 2.20 8.22
CA PHE A 41 5.73 3.22 8.75
C PHE A 41 4.40 3.18 7.99
N GLU A 42 3.55 4.17 8.24
CA GLU A 42 2.26 4.31 7.58
C GLU A 42 2.05 5.81 7.43
N GLY A 43 1.18 6.20 6.51
CA GLY A 43 0.99 7.63 6.25
C GLY A 43 2.03 8.08 5.26
N THR A 44 3.23 8.41 5.74
CA THR A 44 4.41 8.56 4.89
C THR A 44 5.31 7.34 5.11
N ARG A 45 5.27 6.40 4.17
CA ARG A 45 6.11 5.22 4.23
C ARG A 45 7.48 5.52 3.62
N GLN A 46 8.51 4.90 4.18
CA GLN A 46 9.89 5.33 3.94
C GLN A 46 10.81 4.12 3.77
N LEU A 47 11.91 4.40 3.06
CA LEU A 47 13.06 3.51 2.90
C LEU A 47 14.29 4.40 2.74
N ALA A 48 15.34 4.12 3.51
CA ALA A 48 16.54 4.93 3.40
C ALA A 48 17.39 4.40 2.24
N LEU A 49 17.85 5.32 1.38
CA LEU A 49 18.70 4.97 0.26
C LEU A 49 20.17 5.33 0.53
N GLN A 50 20.43 6.10 1.58
CA GLN A 50 21.77 6.43 2.03
C GLN A 50 21.90 6.08 3.50
N HIS A 51 23.04 5.51 3.87
CA HIS A 51 23.31 5.12 5.24
C HIS A 51 24.60 5.78 5.75
N ARG A 52 24.71 5.83 7.07
CA ARG A 52 25.92 6.31 7.71
C ARG A 52 27.02 5.25 7.60
N PRO A 53 28.29 5.65 7.57
CA PRO A 53 29.37 4.67 7.40
C PRO A 53 29.25 3.53 8.42
N GLU A 54 29.44 2.30 7.96
CA GLU A 54 29.40 1.10 8.83
C GLU A 54 28.04 0.90 9.49
N ALA A 55 26.97 1.35 8.83
CA ALA A 55 25.64 1.17 9.38
C ALA A 55 25.31 -0.29 9.58
N THR A 56 24.78 -0.56 10.75
CA THR A 56 24.17 -1.82 11.12
C THR A 56 22.74 -1.95 10.59
N ASP A 57 22.00 -0.83 10.45
CA ASP A 57 20.66 -0.82 9.87
C ASP A 57 20.61 0.15 8.68
N PRO A 58 21.30 -0.17 7.58
CA PRO A 58 21.46 0.83 6.50
C PRO A 58 20.16 1.18 5.81
N TRP A 59 19.21 0.26 5.71
CA TRP A 59 17.99 0.49 4.94
C TRP A 59 16.94 1.32 5.69
N TYR A 60 17.02 1.41 7.01
CA TYR A 60 15.96 2.10 7.74
C TYR A 60 16.45 3.14 8.73
N GLU A 61 17.73 3.14 9.12
CA GLU A 61 18.16 4.12 10.11
C GLU A 61 17.83 5.55 9.69
N GLY A 62 18.03 5.87 8.41
CA GLY A 62 17.78 7.22 7.93
C GLY A 62 16.32 7.62 7.93
N CYS A 63 15.42 6.65 8.08
CA CYS A 63 14.00 6.94 8.06
C CYS A 63 13.58 7.52 9.39
N GLN A 64 12.78 8.56 9.34
CA GLN A 64 12.47 9.31 10.54
C GLN A 64 11.17 10.08 10.34
N ARG A 65 10.37 10.15 11.39
CA ARG A 65 9.07 10.82 11.40
C ARG A 65 8.87 11.71 12.60
N GLN A 66 9.28 11.26 13.79
CA GLN A 66 9.04 11.96 15.03
C GLN A 66 9.32 13.46 14.93
N SER A 67 8.65 14.23 15.79
CA SER A 67 8.78 15.69 15.76
C SER A 67 10.21 16.15 16.02
N LEU A 68 11.00 15.36 16.74
CA LEU A 68 12.37 15.76 17.07
C LEU A 68 13.30 15.39 15.91
N ILE A 69 13.52 16.38 15.01
CA ILE A 69 14.23 16.05 13.79
C ILE A 69 15.71 15.83 14.10
N SER A 70 16.35 14.98 13.30
CA SER A 70 17.76 14.74 13.47
C SER A 70 18.52 15.45 12.35
N SER A 71 19.86 15.41 12.42
CA SER A 71 20.69 16.01 11.38
C SER A 71 21.00 15.00 10.28
N ASP A 72 20.99 15.49 9.05
CA ASP A 72 21.13 14.66 7.85
C ASP A 72 22.59 14.37 7.46
N SER A 73 23.57 14.98 8.14
CA SER A 73 24.95 15.01 7.65
C SER A 73 25.56 13.61 7.50
N ASP A 74 25.33 12.71 8.46
CA ASP A 74 26.04 11.42 8.43
C ASP A 74 25.50 10.43 7.40
N PHE A 75 24.33 10.68 6.80
CA PHE A 75 23.71 9.70 5.90
C PHE A 75 24.21 9.97 4.48
N THR A 76 25.41 9.45 4.20
CA THR A 76 26.17 9.83 3.02
C THR A 76 26.37 8.71 2.02
N GLU A 77 26.36 7.45 2.45
CA GLU A 77 26.71 6.32 1.59
C GLU A 77 25.48 5.78 0.88
N VAL A 78 25.44 5.92 -0.45
CA VAL A 78 24.45 5.20 -1.23
C VAL A 78 24.68 3.69 -1.13
N HIS A 79 23.62 2.93 -0.83
CA HIS A 79 23.74 1.49 -0.68
C HIS A 79 24.48 0.90 -1.87
N GLY A 80 25.42 0.01 -1.59
CA GLY A 80 26.15 -0.66 -2.65
C GLY A 80 25.26 -1.44 -3.60
N GLU A 81 24.20 -2.07 -3.08
CA GLU A 81 23.43 -2.89 -4.01
C GLU A 81 22.59 -2.05 -4.98
N LEU A 82 22.63 -0.72 -4.91
CA LEU A 82 22.00 0.13 -5.92
C LEU A 82 22.89 0.30 -7.15
N ARG A 83 24.14 -0.13 -7.08
CA ARG A 83 25.17 0.35 -8.00
C ARG A 83 24.87 0.00 -9.45
N ASP A 84 24.34 -1.20 -9.71
CA ASP A 84 23.93 -1.59 -11.05
C ASP A 84 22.43 -1.75 -11.20
N THR A 85 21.65 -0.92 -10.49
CA THR A 85 20.24 -0.74 -10.79
C THR A 85 20.08 0.58 -11.51
N TYR A 86 18.94 0.73 -12.18
CA TYR A 86 18.64 2.02 -12.79
C TYR A 86 18.53 3.08 -11.72
N LEU A 87 18.06 2.70 -10.52
CA LEU A 87 17.96 3.68 -9.45
C LEU A 87 19.33 4.26 -9.12
N GLY A 88 20.38 3.45 -9.19
CA GLY A 88 21.73 3.98 -9.03
C GLY A 88 22.07 5.04 -10.07
N GLU A 89 21.52 4.91 -11.27
CA GLU A 89 21.82 5.91 -12.29
C GLU A 89 21.27 7.27 -11.87
N VAL A 90 20.16 7.28 -11.13
CA VAL A 90 19.64 8.56 -10.65
C VAL A 90 20.68 9.27 -9.79
N PHE A 91 21.31 8.52 -8.88
CA PHE A 91 22.34 9.13 -8.04
C PHE A 91 23.53 9.61 -8.88
N ASP A 92 23.83 8.92 -9.96
CA ASP A 92 24.99 9.29 -10.77
C ASP A 92 24.79 10.66 -11.42
N ARG A 93 23.56 11.00 -11.83
CA ARG A 93 23.31 12.24 -12.57
C ARG A 93 22.99 13.43 -11.68
N LEU A 94 22.97 13.28 -10.38
CA LEU A 94 22.59 14.39 -9.53
C LEU A 94 23.61 15.53 -9.65
N PRO A 95 23.15 16.78 -9.70
CA PRO A 95 24.08 17.92 -9.72
C PRO A 95 24.63 18.30 -8.34
N PHE A 96 24.41 17.48 -7.33
CA PHE A 96 24.90 17.78 -5.99
C PHE A 96 25.13 16.47 -5.25
N LYS A 97 25.81 16.58 -4.13
CA LYS A 97 26.03 15.51 -3.17
C LYS A 97 24.79 15.38 -2.29
N PRO A 98 23.99 14.33 -2.45
CA PRO A 98 22.78 14.20 -1.65
C PRO A 98 23.10 13.68 -0.27
N ILE A 99 22.21 13.96 0.68
CA ILE A 99 22.30 13.35 2.01
C ILE A 99 20.93 12.88 2.46
N ARG A 100 20.93 11.84 3.29
CA ARG A 100 19.71 11.22 3.84
C ARG A 100 18.63 11.07 2.77
N THR A 101 19.02 10.54 1.61
CA THR A 101 18.03 10.30 0.58
C THR A 101 17.11 9.18 1.01
N ARG A 102 15.81 9.39 0.79
CA ARG A 102 14.81 8.40 1.18
C ARG A 102 13.76 8.26 0.09
N ILE A 103 13.24 7.06 -0.05
CA ILE A 103 11.93 6.93 -0.68
C ILE A 103 10.88 7.38 0.33
N MET A 104 10.04 8.31 -0.09
CA MET A 104 8.96 8.90 0.71
C MET A 104 7.67 8.65 -0.05
N ALA A 105 6.81 7.79 0.48
CA ALA A 105 5.58 7.42 -0.22
C ALA A 105 4.37 7.86 0.58
N LEU A 106 3.59 8.80 0.02
CA LEU A 106 2.33 9.17 0.68
C LEU A 106 1.27 8.13 0.40
N ASP A 107 0.64 7.65 1.49
CA ASP A 107 -0.43 6.67 1.43
C ASP A 107 -1.65 7.24 0.71
N PRO A 108 -2.48 6.37 0.15
CA PRO A 108 -3.74 6.84 -0.43
C PRO A 108 -4.59 7.56 0.63
N LYS A 109 -5.25 8.63 0.20
CA LYS A 109 -6.21 9.37 1.03
C LYS A 109 -5.55 10.01 2.24
N TYR A 110 -4.25 10.31 2.15
CA TYR A 110 -3.48 10.79 3.28
C TYR A 110 -2.96 12.20 3.03
N CYS A 111 -2.80 12.98 4.10
CA CYS A 111 -2.25 14.33 3.97
C CYS A 111 -1.54 14.73 5.26
N TYR A 112 -0.70 15.78 5.14
CA TYR A 112 0.11 16.33 6.24
C TYR A 112 -0.58 17.45 6.99
N SER A 113 -0.08 17.70 8.20
CA SER A 113 -0.43 18.95 8.84
C SER A 113 0.14 20.11 8.02
N VAL A 114 -0.46 21.27 8.20
CA VAL A 114 0.05 22.48 7.57
C VAL A 114 1.22 22.97 8.42
N HIS A 115 2.41 23.03 7.84
CA HIS A 115 3.57 23.27 8.69
C HIS A 115 4.73 23.73 7.82
N ARG A 116 5.86 24.04 8.45
CA ARG A 116 7.10 24.37 7.74
C ARG A 116 8.20 23.40 8.13
N ASP A 117 8.98 22.95 7.14
CA ASP A 117 10.19 22.16 7.43
C ASP A 117 11.38 23.07 7.65
N LEU A 118 12.40 22.52 8.31
CA LEU A 118 13.64 23.27 8.50
C LEU A 118 14.46 23.37 7.23
N THR A 119 14.43 22.33 6.39
CA THR A 119 15.24 22.43 5.19
C THR A 119 14.45 22.01 3.95
N PRO A 120 14.70 22.66 2.83
CA PRO A 120 14.08 22.23 1.56
C PRO A 120 14.69 20.92 1.10
N ARG A 121 14.05 20.28 0.11
CA ARG A 121 14.53 19.00 -0.41
C ARG A 121 14.25 18.92 -1.90
N TYR A 122 14.96 18.04 -2.57
CA TYR A 122 14.68 17.74 -3.97
C TYR A 122 13.82 16.49 -4.07
N HIS A 123 12.82 16.53 -4.96
CA HIS A 123 11.88 15.45 -5.19
C HIS A 123 11.98 14.90 -6.61
N LEU A 124 12.06 13.58 -6.70
CA LEU A 124 11.89 12.90 -7.98
C LEU A 124 10.66 12.02 -7.86
N ALA A 125 9.58 12.39 -8.54
CA ALA A 125 8.36 11.63 -8.41
C ALA A 125 8.53 10.35 -9.23
N VAL A 126 8.32 9.21 -8.58
CA VAL A 126 8.42 7.91 -9.25
C VAL A 126 7.06 7.43 -9.72
N THR A 127 6.07 7.52 -8.83
CA THR A 127 4.67 7.20 -9.13
C THR A 127 3.79 8.29 -8.53
N THR A 128 2.86 8.79 -9.31
CA THR A 128 1.98 9.82 -8.77
C THR A 128 0.69 9.81 -9.59
N SER A 129 -0.16 10.79 -9.34
CA SER A 129 -1.42 10.95 -10.06
C SER A 129 -1.79 12.43 -9.97
N GLU A 130 -2.89 12.80 -10.64
CA GLU A 130 -3.42 14.17 -10.53
C GLU A 130 -3.93 14.47 -9.14
N HIS A 131 -4.08 13.46 -8.28
CA HIS A 131 -4.59 13.62 -6.94
C HIS A 131 -3.52 13.92 -5.90
N ALA A 132 -2.26 14.02 -6.27
CA ALA A 132 -1.16 14.21 -5.32
C ALA A 132 -0.59 15.61 -5.55
N ARG A 133 -0.68 16.47 -4.54
CA ARG A 133 -0.30 17.88 -4.69
C ARG A 133 0.42 18.38 -3.43
N PHE A 134 1.24 19.41 -3.62
CA PHE A 134 1.73 20.27 -2.54
C PHE A 134 0.84 21.49 -2.49
N VAL A 135 0.47 21.91 -1.28
CA VAL A 135 -0.39 23.08 -1.07
C VAL A 135 0.40 24.11 -0.26
N PHE A 136 0.75 25.24 -0.90
CA PHE A 136 1.46 26.33 -0.21
C PHE A 136 0.43 27.37 0.24
N ILE A 137 0.30 27.52 1.56
CA ILE A 137 -0.83 28.23 2.15
C ILE A 137 -0.67 29.74 1.99
N GLU A 138 0.51 30.28 2.29
CA GLU A 138 0.67 31.73 2.15
C GLU A 138 0.80 32.14 0.69
N HIS A 139 1.52 31.33 -0.10
CA HIS A 139 1.63 31.59 -1.52
C HIS A 139 0.34 31.36 -2.27
N ASP A 140 -0.59 30.61 -1.66
CA ASP A 140 -1.85 30.23 -2.27
C ASP A 140 -1.61 29.58 -3.63
N LYS A 141 -0.71 28.59 -3.64
CA LYS A 141 -0.28 27.88 -4.84
C LYS A 141 -0.49 26.39 -4.60
N VAL A 142 -1.00 25.70 -5.61
CA VAL A 142 -1.16 24.26 -5.58
C VAL A 142 -0.25 23.70 -6.65
N LEU A 143 0.56 22.71 -6.30
CA LEU A 143 1.67 22.31 -7.13
C LEU A 143 1.65 20.79 -7.26
N HIS A 144 1.95 20.30 -8.45
CA HIS A 144 1.98 18.87 -8.73
C HIS A 144 3.37 18.51 -9.26
N ILE A 145 3.98 17.46 -8.72
CA ILE A 145 5.28 17.01 -9.21
C ILE A 145 5.04 15.82 -10.15
N PRO A 146 5.27 15.98 -11.46
CA PRO A 146 5.06 14.88 -12.39
C PRO A 146 6.18 13.84 -12.33
N ALA A 147 5.80 12.60 -12.60
CA ALA A 147 6.75 11.51 -12.77
C ALA A 147 7.32 11.57 -14.18
N ASP A 148 8.21 12.56 -14.40
CA ASP A 148 8.77 12.83 -15.72
C ASP A 148 10.27 12.60 -15.79
N GLY A 149 10.85 11.96 -14.79
CA GLY A 149 12.27 11.74 -14.81
C GLY A 149 13.12 12.93 -14.47
N ASP A 150 12.54 14.08 -14.08
CA ASP A 150 13.37 15.21 -13.70
C ASP A 150 13.28 15.50 -12.20
N LEU A 151 14.19 16.35 -11.75
CA LEU A 151 14.38 16.66 -10.35
C LEU A 151 13.73 17.99 -10.01
N TYR A 152 12.97 18.02 -8.93
CA TYR A 152 12.23 19.22 -8.54
C TYR A 152 12.66 19.63 -7.14
N TYR A 153 13.31 20.79 -7.07
CA TYR A 153 13.47 21.44 -5.79
C TYR A 153 12.12 21.98 -5.34
N VAL A 154 11.73 21.69 -4.09
CA VAL A 154 10.49 22.15 -3.49
C VAL A 154 10.82 22.84 -2.17
N ASP A 155 10.45 24.10 -2.03
CA ASP A 155 10.81 24.83 -0.82
C ASP A 155 9.78 24.54 0.28
N THR A 156 9.99 23.41 0.97
CA THR A 156 9.10 23.03 2.05
C THR A 156 9.38 23.78 3.37
N ARG A 157 10.29 24.76 3.37
CA ARG A 157 10.35 25.74 4.45
C ARG A 157 9.14 26.65 4.44
N GLN A 158 8.49 26.80 3.28
CA GLN A 158 7.28 27.59 3.18
C GLN A 158 6.11 26.85 3.83
N LEU A 159 5.19 27.59 4.43
CA LEU A 159 4.04 26.98 5.09
C LEU A 159 3.24 26.15 4.08
N HIS A 160 3.08 24.86 4.35
CA HIS A 160 2.52 24.00 3.31
C HIS A 160 1.97 22.73 3.92
N SER A 161 1.23 22.00 3.10
CA SER A 161 0.89 20.62 3.35
C SER A 161 1.12 19.90 2.03
N ALA A 162 1.07 18.56 2.06
CA ALA A 162 0.96 17.76 0.86
C ALA A 162 -0.16 16.75 1.06
N PHE A 163 -0.84 16.38 -0.02
CA PHE A 163 -1.90 15.40 0.11
C PHE A 163 -1.87 14.46 -1.08
N ASN A 164 -2.39 13.26 -0.87
CA ASN A 164 -2.55 12.28 -1.94
C ASN A 164 -4.00 11.81 -1.88
N GLY A 165 -4.84 12.32 -2.79
CA GLY A 165 -6.23 11.92 -2.82
C GLY A 165 -6.50 10.69 -3.66
N GLY A 166 -5.46 10.05 -4.19
CA GLY A 166 -5.62 8.89 -5.05
C GLY A 166 -5.77 7.60 -4.25
N ASP A 167 -5.96 6.50 -4.96
CA ASP A 167 -6.05 5.20 -4.31
C ASP A 167 -4.73 4.44 -4.31
N ASP A 168 -3.72 4.93 -5.03
CA ASP A 168 -2.39 4.35 -5.02
C ASP A 168 -1.43 5.24 -4.26
N MET A 169 -0.33 4.62 -3.83
CA MET A 169 0.68 5.37 -3.10
C MET A 169 1.32 6.37 -4.06
N ARG A 170 1.62 7.54 -3.52
CA ARG A 170 2.43 8.53 -4.24
C ARG A 170 3.90 8.37 -3.85
N ILE A 171 4.70 7.73 -4.72
CA ILE A 171 6.09 7.39 -4.38
C ILE A 171 7.03 8.45 -4.94
N HIS A 172 7.79 9.10 -4.08
CA HIS A 172 8.85 10.03 -4.46
C HIS A 172 10.19 9.53 -3.95
N ILE A 173 11.26 9.93 -4.63
CA ILE A 173 12.58 9.90 -4.02
C ILE A 173 12.89 11.32 -3.59
N VAL A 174 13.35 11.47 -2.35
CA VAL A 174 13.54 12.77 -1.74
C VAL A 174 14.99 12.87 -1.27
N PHE A 175 15.71 13.84 -1.81
CA PHE A 175 17.15 14.02 -1.56
C PHE A 175 17.37 15.24 -0.68
N GLY A 176 18.17 15.09 0.37
CA GLY A 176 18.69 16.24 1.06
C GLY A 176 20.00 16.68 0.43
N THR A 177 20.44 17.90 0.72
CA THR A 177 21.67 18.38 0.10
C THR A 177 22.66 18.93 1.13
N ASP A 178 23.94 18.71 0.81
CA ASP A 178 25.17 19.07 1.58
C ASP A 178 25.67 17.94 2.47
N ALA B 12 3.39 -15.46 -10.52
CA ALA B 12 2.04 -15.98 -10.77
C ALA B 12 0.98 -14.89 -10.55
N LEU B 13 -0.03 -14.87 -11.42
CA LEU B 13 -1.10 -13.88 -11.39
C LEU B 13 -2.31 -14.34 -10.58
N THR B 14 -2.63 -15.62 -10.68
CA THR B 14 -3.77 -16.22 -10.00
C THR B 14 -3.43 -17.69 -9.84
N SER B 15 -3.91 -18.32 -8.76
CA SER B 15 -3.80 -19.77 -8.65
C SER B 15 -4.90 -20.28 -7.73
N ARG B 16 -5.21 -21.55 -7.89
CA ARG B 16 -6.24 -22.21 -7.09
C ARG B 16 -5.61 -23.28 -6.24
N THR B 17 -6.06 -23.36 -5.00
CA THR B 17 -5.67 -24.38 -4.05
C THR B 17 -6.95 -25.14 -3.71
N GLU B 18 -7.13 -26.35 -4.24
CA GLU B 18 -8.26 -27.16 -3.78
C GLU B 18 -8.15 -27.28 -2.28
N LEU B 19 -9.28 -27.18 -1.62
CA LEU B 19 -9.20 -27.08 -0.17
C LEU B 19 -10.44 -27.67 0.49
N ASP B 20 -11.37 -28.22 -0.28
CA ASP B 20 -12.40 -29.14 0.21
C ASP B 20 -13.28 -28.48 1.28
N ILE B 21 -13.76 -27.29 0.96
CA ILE B 21 -14.66 -26.55 1.85
C ILE B 21 -16.06 -26.57 1.26
N ASP B 22 -17.05 -26.77 2.11
CA ASP B 22 -18.42 -26.84 1.63
C ASP B 22 -18.98 -25.45 1.44
N PRO B 23 -19.19 -25.02 0.19
CA PRO B 23 -19.71 -23.66 -0.05
C PRO B 23 -20.94 -23.32 0.75
N ASP B 24 -21.85 -24.28 0.94
CA ASP B 24 -23.10 -23.93 1.60
C ASP B 24 -22.91 -23.79 3.11
N LYS B 25 -22.14 -24.67 3.74
CA LYS B 25 -21.84 -24.46 5.15
C LYS B 25 -21.19 -23.10 5.35
N LEU B 26 -20.14 -22.82 4.56
CA LEU B 26 -19.45 -21.55 4.63
C LEU B 26 -20.45 -20.39 4.58
N ARG B 27 -21.25 -20.34 3.50
CA ARG B 27 -22.25 -19.29 3.37
C ARG B 27 -23.10 -19.20 4.62
N GLU B 28 -23.44 -20.34 5.21
CA GLU B 28 -24.30 -20.32 6.38
C GLU B 28 -23.56 -19.77 7.59
N SER B 29 -22.34 -20.23 7.82
CA SER B 29 -21.58 -19.68 8.93
C SER B 29 -21.31 -18.19 8.74
N VAL B 30 -20.99 -17.77 7.50
CA VAL B 30 -20.76 -16.36 7.25
C VAL B 30 -22.00 -15.55 7.59
N VAL B 31 -23.16 -16.01 7.12
CA VAL B 31 -24.39 -15.23 7.29
C VAL B 31 -24.79 -15.15 8.75
N GLU B 32 -24.54 -16.22 9.51
CA GLU B 32 -24.82 -16.17 10.94
C GLU B 32 -23.88 -15.20 11.64
N LEU B 33 -22.58 -15.32 11.35
CA LEU B 33 -21.61 -14.41 11.97
C LEU B 33 -21.99 -12.95 11.77
N LEU B 34 -22.47 -12.60 10.57
CA LEU B 34 -22.74 -11.21 10.29
C LEU B 34 -23.98 -10.70 11.00
N GLU B 35 -24.90 -11.57 11.41
CA GLU B 35 -26.07 -11.05 12.12
C GLU B 35 -25.71 -10.53 13.50
N ARG B 36 -24.63 -11.02 14.10
CA ARG B 36 -24.17 -10.52 15.39
C ARG B 36 -22.89 -9.70 15.30
N HIS B 37 -22.41 -9.43 14.08
CA HIS B 37 -21.19 -8.65 13.88
C HIS B 37 -21.28 -8.04 12.50
N PRO B 38 -21.98 -6.92 12.35
CA PRO B 38 -22.29 -6.41 11.02
C PRO B 38 -21.07 -5.88 10.29
N LEU B 39 -21.15 -5.92 8.96
CA LEU B 39 -20.18 -5.24 8.13
C LEU B 39 -20.22 -3.74 8.41
N VAL B 40 -19.08 -3.08 8.24
CA VAL B 40 -19.05 -1.63 8.31
C VAL B 40 -18.67 -1.09 6.94
N PHE B 41 -18.95 0.19 6.75
CA PHE B 41 -18.62 0.96 5.55
C PHE B 41 -19.60 0.73 4.41
N GLU B 42 -19.44 1.51 3.34
CA GLU B 42 -20.24 1.45 2.14
C GLU B 42 -19.33 1.13 0.97
N GLY B 43 -19.88 0.40 -0.01
CA GLY B 43 -19.11 0.13 -1.22
C GLY B 43 -18.35 -1.16 -1.11
N THR B 44 -17.25 -1.14 -0.36
CA THR B 44 -16.62 -2.37 0.11
C THR B 44 -16.91 -2.46 1.61
N ARG B 45 -17.78 -3.38 2.00
CA ARG B 45 -18.17 -3.54 3.40
C ARG B 45 -17.33 -4.65 4.00
N GLN B 46 -16.96 -4.47 5.28
CA GLN B 46 -15.86 -5.25 5.82
C GLN B 46 -16.16 -5.70 7.23
N LEU B 47 -15.46 -6.76 7.62
CA LEU B 47 -15.36 -7.24 8.99
C LEU B 47 -14.01 -7.93 9.16
N ALA B 48 -13.29 -7.58 10.23
CA ALA B 48 -12.02 -8.25 10.51
C ALA B 48 -12.26 -9.60 11.18
N LEU B 49 -11.63 -10.64 10.64
CA LEU B 49 -11.65 -11.94 11.30
C LEU B 49 -10.41 -12.17 12.19
N GLN B 50 -9.37 -11.34 12.05
CA GLN B 50 -8.21 -11.43 12.91
C GLN B 50 -7.94 -10.05 13.51
N HIS B 51 -7.29 -10.05 14.69
CA HIS B 51 -6.99 -8.80 15.36
C HIS B 51 -5.52 -8.81 15.78
N ARG B 52 -5.05 -7.64 16.22
CA ARG B 52 -3.77 -7.58 16.90
C ARG B 52 -3.93 -8.18 18.28
N PRO B 53 -2.88 -8.83 18.81
CA PRO B 53 -2.93 -9.25 20.21
C PRO B 53 -3.29 -8.07 21.09
N GLU B 54 -4.32 -8.24 21.91
CA GLU B 54 -4.81 -7.25 22.87
C GLU B 54 -5.63 -6.12 22.25
N ALA B 55 -5.99 -6.18 20.97
CA ALA B 55 -6.79 -5.12 20.37
C ALA B 55 -8.04 -4.86 21.20
N THR B 56 -8.45 -3.59 21.24
CA THR B 56 -9.69 -3.22 21.92
C THR B 56 -10.87 -3.08 20.98
N ASP B 57 -10.62 -3.12 19.68
CA ASP B 57 -11.69 -3.13 18.66
C ASP B 57 -11.38 -4.24 17.66
N PRO B 58 -11.34 -5.50 18.11
CA PRO B 58 -10.79 -6.57 17.26
C PRO B 58 -11.61 -6.87 16.02
N TRP B 59 -12.89 -6.54 16.02
CA TRP B 59 -13.70 -6.89 14.85
C TRP B 59 -13.57 -5.87 13.72
N TYR B 60 -12.98 -4.69 13.96
CA TYR B 60 -12.96 -3.62 12.96
C TYR B 60 -11.63 -2.89 12.82
N GLU B 61 -10.71 -2.97 13.79
CA GLU B 61 -9.43 -2.28 13.63
C GLU B 61 -8.74 -2.70 12.32
N GLY B 62 -8.77 -3.99 12.00
CA GLY B 62 -8.15 -4.47 10.78
C GLY B 62 -8.85 -4.03 9.50
N CYS B 63 -10.00 -3.39 9.60
CA CYS B 63 -10.70 -2.89 8.44
C CYS B 63 -10.34 -1.45 8.11
N GLN B 64 -9.55 -0.80 8.95
CA GLN B 64 -9.22 0.59 8.76
C GLN B 64 -8.44 0.77 7.46
N ARG B 65 -8.42 2.00 6.98
CA ARG B 65 -7.78 2.31 5.72
C ARG B 65 -6.26 2.17 5.83
N GLN B 66 -5.61 2.07 4.68
CA GLN B 66 -4.20 1.73 4.65
C GLN B 66 -3.34 2.74 5.42
N SER B 67 -3.69 4.03 5.33
CA SER B 67 -2.88 5.07 5.96
C SER B 67 -2.80 4.89 7.46
N LEU B 68 -3.68 4.06 8.04
CA LEU B 68 -3.65 3.76 9.45
C LEU B 68 -3.00 2.42 9.78
N ILE B 69 -2.66 1.59 8.80
CA ILE B 69 -2.16 0.25 9.10
C ILE B 69 -0.73 0.10 8.57
N SER B 70 0.22 0.02 9.49
CA SER B 70 1.63 -0.12 9.08
C SER B 70 1.86 -1.45 8.38
N SER B 71 1.42 -2.54 9.00
CA SER B 71 1.72 -3.86 8.47
C SER B 71 0.57 -4.79 8.76
N ASP B 72 0.18 -5.55 7.73
CA ASP B 72 -0.85 -6.55 7.90
C ASP B 72 -0.40 -7.63 8.90
N SER B 73 0.92 -7.79 9.06
CA SER B 73 1.49 -8.84 9.91
C SER B 73 1.09 -8.72 11.36
N ASP B 74 0.58 -7.57 11.79
CA ASP B 74 0.24 -7.42 13.21
C ASP B 74 -1.06 -8.12 13.58
N PHE B 75 -1.95 -8.40 12.63
CA PHE B 75 -3.27 -8.97 12.91
C PHE B 75 -3.20 -10.48 12.75
N THR B 76 -2.76 -11.15 13.82
CA THR B 76 -2.43 -12.58 13.79
C THR B 76 -3.47 -13.47 14.47
N GLU B 77 -4.38 -12.89 15.26
CA GLU B 77 -5.22 -13.63 16.19
C GLU B 77 -6.63 -13.78 15.64
N VAL B 78 -7.00 -15.00 15.26
CA VAL B 78 -8.37 -15.30 14.88
C VAL B 78 -9.27 -15.16 16.11
N HIS B 79 -10.35 -14.39 15.99
CA HIS B 79 -11.27 -14.22 17.12
C HIS B 79 -11.57 -15.54 17.80
N GLY B 80 -11.65 -15.47 19.13
CA GLY B 80 -11.94 -16.67 19.89
C GLY B 80 -13.27 -17.30 19.52
N GLU B 81 -14.29 -16.48 19.33
CA GLU B 81 -15.61 -17.09 19.14
C GLU B 81 -15.78 -17.74 17.78
N LEU B 82 -14.74 -17.78 16.95
CA LEU B 82 -14.75 -18.55 15.71
C LEU B 82 -14.26 -19.97 15.92
N ARG B 83 -13.61 -20.22 17.05
CA ARG B 83 -13.03 -21.51 17.38
C ARG B 83 -13.97 -22.67 17.09
N ASP B 84 -15.24 -22.54 17.49
CA ASP B 84 -16.22 -23.62 17.44
C ASP B 84 -17.20 -23.47 16.27
N THR B 85 -16.80 -22.80 15.20
CA THR B 85 -17.67 -22.62 14.04
C THR B 85 -17.01 -23.21 12.81
N TYR B 86 -17.80 -23.32 11.74
CA TYR B 86 -17.24 -23.83 10.49
C TYR B 86 -16.10 -22.95 10.01
N LEU B 87 -16.14 -21.65 10.33
CA LEU B 87 -15.03 -20.78 9.99
C LEU B 87 -13.75 -21.21 10.68
N GLY B 88 -13.86 -21.72 11.91
CA GLY B 88 -12.73 -22.28 12.61
C GLY B 88 -12.00 -23.29 11.73
N GLU B 89 -12.73 -24.26 11.18
CA GLU B 89 -12.01 -25.26 10.39
C GLU B 89 -11.53 -24.67 9.08
N VAL B 90 -12.22 -23.66 8.56
CA VAL B 90 -11.67 -22.97 7.40
C VAL B 90 -10.26 -22.52 7.72
N PHE B 91 -10.10 -21.80 8.85
CA PHE B 91 -8.76 -21.32 9.22
C PHE B 91 -7.79 -22.48 9.37
N ASP B 92 -8.28 -23.63 9.84
CA ASP B 92 -7.40 -24.78 10.05
C ASP B 92 -6.93 -25.37 8.73
N ARG B 93 -7.79 -25.42 7.70
CA ARG B 93 -7.36 -26.04 6.45
C ARG B 93 -6.30 -25.23 5.71
N LEU B 94 -6.02 -24.00 6.12
CA LEU B 94 -5.19 -23.12 5.31
C LEU B 94 -3.78 -23.69 5.20
N PRO B 95 -3.20 -23.76 4.00
CA PRO B 95 -1.82 -24.25 3.87
C PRO B 95 -0.77 -23.23 4.25
N PHE B 96 -1.12 -21.96 4.41
CA PHE B 96 -0.23 -20.90 4.86
C PHE B 96 -0.75 -20.32 6.17
N LYS B 97 0.06 -19.47 6.77
CA LYS B 97 -0.44 -18.77 7.96
C LYS B 97 -1.18 -17.51 7.55
N PRO B 98 -2.39 -17.28 8.04
CA PRO B 98 -3.15 -16.08 7.64
C PRO B 98 -2.89 -14.89 8.54
N ILE B 99 -2.92 -13.71 7.93
CA ILE B 99 -2.92 -12.46 8.68
C ILE B 99 -3.91 -11.49 8.07
N ARG B 100 -4.44 -10.61 8.93
CA ARG B 100 -5.38 -9.55 8.56
C ARG B 100 -6.51 -10.09 7.69
N THR B 101 -7.05 -11.24 8.07
CA THR B 101 -8.19 -11.79 7.34
C THR B 101 -9.43 -10.95 7.58
N ARG B 102 -10.18 -10.72 6.51
CA ARG B 102 -11.38 -9.90 6.57
C ARG B 102 -12.45 -10.54 5.71
N ILE B 103 -13.69 -10.27 6.07
CA ILE B 103 -14.79 -10.43 5.14
C ILE B 103 -14.85 -9.13 4.35
N MET B 104 -14.77 -9.22 3.02
CA MET B 104 -14.91 -8.07 2.11
C MET B 104 -16.05 -8.30 1.13
N ALA B 105 -17.08 -7.47 1.23
CA ALA B 105 -18.28 -7.57 0.41
C ALA B 105 -18.33 -6.38 -0.55
N LEU B 106 -18.48 -6.63 -1.85
CA LEU B 106 -18.78 -5.58 -2.80
C LEU B 106 -20.27 -5.36 -2.93
N ASP B 107 -20.69 -4.11 -2.75
CA ASP B 107 -22.06 -3.72 -2.93
C ASP B 107 -22.51 -4.02 -4.37
N PRO B 108 -23.79 -4.27 -4.57
CA PRO B 108 -24.31 -4.40 -5.93
C PRO B 108 -24.07 -3.13 -6.75
N LYS B 109 -23.70 -3.33 -8.02
CA LYS B 109 -23.45 -2.26 -8.98
C LYS B 109 -22.30 -1.37 -8.55
N TYR B 110 -21.33 -1.93 -7.85
CA TYR B 110 -20.22 -1.17 -7.31
C TYR B 110 -18.90 -1.70 -7.87
N CYS B 111 -17.93 -0.80 -8.00
CA CYS B 111 -16.58 -1.15 -8.41
C CYS B 111 -15.64 -0.15 -7.74
N TYR B 112 -14.35 -0.46 -7.77
CA TYR B 112 -13.43 0.51 -7.18
C TYR B 112 -12.37 0.90 -8.20
N SER B 113 -11.47 1.80 -7.79
CA SER B 113 -10.56 2.34 -8.77
C SER B 113 -9.58 1.27 -9.23
N VAL B 114 -8.93 1.56 -10.34
CA VAL B 114 -7.86 0.71 -10.85
C VAL B 114 -6.62 1.09 -10.06
N HIS B 115 -6.07 0.14 -9.31
CA HIS B 115 -4.98 0.47 -8.39
C HIS B 115 -4.15 -0.78 -8.12
N ARG B 116 -3.14 -0.61 -7.27
CA ARG B 116 -2.27 -1.71 -6.83
C ARG B 116 -2.31 -1.83 -5.31
N ASP B 117 -2.44 -3.06 -4.81
CA ASP B 117 -2.30 -3.25 -3.37
C ASP B 117 -0.85 -3.51 -3.00
N LEU B 118 -0.55 -3.33 -1.71
CA LEU B 118 0.80 -3.59 -1.21
C LEU B 118 1.15 -5.07 -1.28
N THR B 119 0.21 -5.95 -0.98
CA THR B 119 0.51 -7.36 -0.89
C THR B 119 -0.57 -8.16 -1.59
N PRO B 120 -0.23 -9.30 -2.19
CA PRO B 120 -1.25 -10.18 -2.77
C PRO B 120 -2.13 -10.75 -1.68
N ARG B 121 -3.23 -11.36 -2.11
CA ARG B 121 -4.28 -11.76 -1.20
C ARG B 121 -4.86 -13.09 -1.65
N TYR B 122 -5.42 -13.84 -0.71
CA TYR B 122 -6.10 -15.10 -0.98
C TYR B 122 -7.60 -14.88 -0.85
N HIS B 123 -8.36 -15.17 -1.91
CA HIS B 123 -9.81 -14.98 -1.91
C HIS B 123 -10.55 -16.31 -1.83
N LEU B 124 -11.52 -16.38 -0.92
CA LEU B 124 -12.52 -17.46 -0.84
C LEU B 124 -13.89 -16.82 -1.00
N ALA B 125 -14.55 -17.09 -2.12
CA ALA B 125 -15.86 -16.49 -2.39
C ALA B 125 -16.93 -17.18 -1.56
N VAL B 126 -17.77 -16.40 -0.91
CA VAL B 126 -18.85 -16.94 -0.12
C VAL B 126 -20.13 -16.90 -0.95
N THR B 127 -20.47 -15.71 -1.44
CA THR B 127 -21.59 -15.51 -2.35
C THR B 127 -21.15 -14.62 -3.51
N THR B 128 -21.54 -14.99 -4.72
CA THR B 128 -21.06 -14.31 -5.92
C THR B 128 -22.01 -14.61 -7.07
N SER B 129 -21.68 -14.10 -8.24
CA SER B 129 -22.51 -14.27 -9.42
C SER B 129 -21.64 -14.05 -10.63
N GLU B 130 -22.20 -14.32 -11.80
CA GLU B 130 -21.44 -14.11 -13.01
C GLU B 130 -21.17 -12.62 -13.28
N HIS B 131 -21.80 -11.71 -12.54
CA HIS B 131 -21.55 -10.29 -12.74
C HIS B 131 -20.39 -9.75 -11.90
N ALA B 132 -19.74 -10.57 -11.08
CA ALA B 132 -18.61 -10.14 -10.25
C ALA B 132 -17.30 -10.67 -10.83
N ARG B 133 -16.36 -9.76 -11.11
CA ARG B 133 -15.09 -10.12 -11.73
C ARG B 133 -13.97 -9.27 -11.14
N PHE B 134 -12.74 -9.77 -11.27
CA PHE B 134 -11.51 -8.99 -11.18
C PHE B 134 -11.05 -8.63 -12.59
N VAL B 135 -10.50 -7.45 -12.76
CA VAL B 135 -9.92 -7.04 -14.04
C VAL B 135 -8.47 -6.67 -13.78
N PHE B 136 -7.57 -7.22 -14.58
CA PHE B 136 -6.16 -6.86 -14.55
C PHE B 136 -5.84 -6.07 -15.82
N ILE B 137 -5.45 -4.81 -15.63
CA ILE B 137 -5.42 -3.87 -16.75
C ILE B 137 -4.25 -4.15 -17.67
N GLU B 138 -3.03 -4.26 -17.12
CA GLU B 138 -1.89 -4.41 -18.01
C GLU B 138 -1.81 -5.81 -18.59
N HIS B 139 -2.28 -6.81 -17.85
CA HIS B 139 -2.34 -8.18 -18.32
C HIS B 139 -3.57 -8.44 -19.21
N ASP B 140 -4.55 -7.53 -19.19
CA ASP B 140 -5.73 -7.62 -20.06
C ASP B 140 -6.47 -8.94 -19.88
N LYS B 141 -6.65 -9.34 -18.61
CA LYS B 141 -7.32 -10.57 -18.17
C LYS B 141 -8.52 -10.20 -17.31
N VAL B 142 -9.61 -10.94 -17.47
CA VAL B 142 -10.79 -10.84 -16.62
C VAL B 142 -10.94 -12.16 -15.87
N LEU B 143 -11.11 -12.07 -14.56
CA LEU B 143 -11.11 -13.23 -13.69
C LEU B 143 -12.43 -13.32 -12.93
N HIS B 144 -12.95 -14.52 -12.78
CA HIS B 144 -14.11 -14.77 -11.96
C HIS B 144 -13.76 -15.74 -10.84
N ILE B 145 -14.12 -15.38 -9.61
CA ILE B 145 -13.81 -16.22 -8.46
C ILE B 145 -15.09 -16.92 -8.00
N PRO B 146 -15.24 -18.21 -8.30
CA PRO B 146 -16.48 -18.91 -7.96
C PRO B 146 -16.55 -19.32 -6.49
N ALA B 147 -17.78 -19.42 -5.99
CA ALA B 147 -18.02 -19.88 -4.63
C ALA B 147 -18.08 -21.41 -4.64
N ASP B 148 -16.90 -21.99 -4.80
CA ASP B 148 -16.74 -23.42 -4.96
C ASP B 148 -15.95 -24.05 -3.82
N GLY B 149 -15.72 -23.29 -2.74
CA GLY B 149 -15.01 -23.81 -1.58
C GLY B 149 -13.49 -23.85 -1.71
N ASP B 150 -12.94 -23.46 -2.85
CA ASP B 150 -11.49 -23.45 -3.03
C ASP B 150 -10.93 -22.04 -2.82
N LEU B 151 -9.60 -21.97 -2.75
CA LEU B 151 -8.89 -20.75 -2.36
C LEU B 151 -8.19 -20.19 -3.58
N TYR B 152 -8.50 -18.95 -3.95
CA TYR B 152 -7.95 -18.34 -5.16
C TYR B 152 -6.97 -17.24 -4.78
N TYR B 153 -5.70 -17.46 -5.10
CA TYR B 153 -4.69 -16.44 -4.89
C TYR B 153 -4.81 -15.40 -6.00
N VAL B 154 -4.76 -14.13 -5.63
CA VAL B 154 -4.86 -13.04 -6.61
C VAL B 154 -3.73 -12.07 -6.33
N ASP B 155 -2.88 -11.85 -7.32
CA ASP B 155 -1.77 -10.92 -7.13
C ASP B 155 -2.25 -9.49 -7.40
N THR B 156 -2.99 -8.97 -6.42
CA THR B 156 -3.48 -7.60 -6.43
C THR B 156 -2.40 -6.54 -6.36
N ARG B 157 -1.13 -6.95 -6.38
CA ARG B 157 -0.07 -5.96 -6.59
C ARG B 157 -0.10 -5.46 -8.02
N GLN B 158 -0.64 -6.26 -8.93
CA GLN B 158 -0.85 -5.86 -10.31
C GLN B 158 -1.98 -4.84 -10.42
N LEU B 159 -1.87 -3.96 -11.41
CA LEU B 159 -2.89 -2.95 -11.63
C LEU B 159 -4.22 -3.61 -11.94
N HIS B 160 -5.21 -3.36 -11.09
CA HIS B 160 -6.45 -4.12 -11.17
C HIS B 160 -7.60 -3.31 -10.60
N SER B 161 -8.82 -3.72 -10.98
CA SER B 161 -10.05 -3.32 -10.31
C SER B 161 -10.88 -4.58 -10.11
N ALA B 162 -11.94 -4.45 -9.33
CA ALA B 162 -12.94 -5.49 -9.18
C ALA B 162 -14.30 -4.83 -9.26
N PHE B 163 -15.30 -5.59 -9.69
CA PHE B 163 -16.60 -4.98 -9.84
C PHE B 163 -17.66 -6.03 -9.61
N ASN B 164 -18.82 -5.55 -9.18
CA ASN B 164 -19.95 -6.43 -8.93
C ASN B 164 -21.13 -5.82 -9.67
N GLY B 165 -21.44 -6.36 -10.85
CA GLY B 165 -22.59 -5.87 -11.60
C GLY B 165 -23.91 -6.51 -11.24
N GLY B 166 -23.97 -7.32 -10.18
CA GLY B 166 -25.19 -8.00 -9.81
C GLY B 166 -26.05 -7.17 -8.87
N ASP B 167 -27.17 -7.74 -8.45
CA ASP B 167 -28.07 -7.06 -7.52
C ASP B 167 -27.83 -7.43 -6.06
N ASP B 168 -27.04 -8.46 -5.77
CA ASP B 168 -26.65 -8.83 -4.40
C ASP B 168 -25.20 -8.47 -4.13
N MET B 169 -24.87 -8.36 -2.83
CA MET B 169 -23.47 -8.20 -2.47
C MET B 169 -22.66 -9.42 -2.89
N ARG B 170 -21.42 -9.16 -3.26
CA ARG B 170 -20.45 -10.22 -3.51
C ARG B 170 -19.59 -10.36 -2.26
N ILE B 171 -19.80 -11.44 -1.51
CA ILE B 171 -19.11 -11.66 -0.25
C ILE B 171 -17.92 -12.60 -0.48
N HIS B 172 -16.73 -12.10 -0.18
CA HIS B 172 -15.50 -12.87 -0.11
C HIS B 172 -14.94 -12.85 1.31
N ILE B 173 -14.21 -13.89 1.64
CA ILE B 173 -13.28 -13.87 2.75
C ILE B 173 -11.90 -13.68 2.14
N VAL B 174 -11.14 -12.72 2.66
CA VAL B 174 -9.86 -12.35 2.05
C VAL B 174 -8.76 -12.49 3.12
N PHE B 175 -7.79 -13.39 2.84
CA PHE B 175 -6.67 -13.69 3.74
C PHE B 175 -5.39 -13.03 3.25
N GLY B 176 -4.66 -12.38 4.17
CA GLY B 176 -3.31 -11.95 3.84
C GLY B 176 -2.28 -12.98 4.27
N THR B 177 -1.06 -12.85 3.76
CA THR B 177 0.02 -13.74 4.19
C THR B 177 1.37 -13.11 3.88
N ASP B 178 2.42 -13.81 4.32
CA ASP B 178 3.82 -13.43 4.10
C ASP B 178 4.35 -13.97 2.76
#